data_7QS3
#
_entry.id   7QS3
#
_cell.length_a   55.730
_cell.length_b   55.730
_cell.length_c   159.602
_cell.angle_alpha   90.000
_cell.angle_beta   90.000
_cell.angle_gamma   90.000
#
_symmetry.space_group_name_H-M   'P 43 21 2'
#
loop_
_entity.id
_entity.type
_entity.pdbx_description
1 polymer 'Tripartite motif-containing protein 16'
2 non-polymer 1,2-ETHANEDIOL
3 non-polymer 'CHLORIDE ION'
4 water water
#
_entity_poly.entity_id   1
_entity_poly.type   'polypeptide(L)'
_entity_poly.pdbx_seq_one_letter_code
;SMQRKYWTSKPEPSTREQFLQYAYDITFDPDTAHKYLRLQEENRKVTNTTPWEHPYPDLPSRFLHWRQVLSQQSLYLHRY
YFEVEIFGAGTYVGLTCKGIDRKGEERNSCISGNNFSWSLQWNGKEFTAWYSDMETPLKAGPFRRLGVYIDFPGGILSFY
GVEYDTMTLVHKFACKFSEPVYAAFWLSKKENAIRIVDLGEEPEKPAPS
;
_entity_poly.pdbx_strand_id   A
#
# COMPACT_ATOMS: atom_id res chain seq x y z
N SER A 9 -13.09 -20.45 10.80
CA SER A 9 -12.75 -19.47 9.74
C SER A 9 -13.76 -19.58 8.58
N LYS A 10 -14.32 -18.45 8.14
CA LYS A 10 -15.34 -18.33 7.05
C LYS A 10 -14.78 -18.86 5.74
N PRO A 11 -15.64 -19.19 4.75
CA PRO A 11 -15.24 -19.18 3.36
C PRO A 11 -14.42 -17.92 3.01
N GLU A 12 -13.44 -18.08 2.13
CA GLU A 12 -12.67 -16.96 1.54
C GLU A 12 -13.59 -16.17 0.60
N PRO A 13 -13.43 -14.84 0.52
CA PRO A 13 -14.24 -14.03 -0.37
C PRO A 13 -13.90 -14.27 -1.85
N SER A 14 -14.90 -14.08 -2.72
CA SER A 14 -14.85 -14.34 -4.18
C SER A 14 -15.31 -13.10 -4.98
N THR A 15 -16.52 -12.63 -4.72
CA THR A 15 -17.14 -11.45 -5.40
C THR A 15 -16.74 -10.17 -4.70
N ARG A 16 -16.80 -9.06 -5.41
CA ARG A 16 -16.52 -7.74 -4.83
C ARG A 16 -17.41 -7.55 -3.59
N GLU A 17 -18.68 -7.95 -3.67
CA GLU A 17 -19.65 -7.78 -2.55
C GLU A 17 -19.12 -8.48 -1.25
N GLN A 18 -18.58 -9.69 -1.45
CA GLN A 18 -17.97 -10.51 -0.36
C GLN A 18 -16.72 -9.81 0.18
N PHE A 19 -15.85 -9.29 -0.68
CA PHE A 19 -14.66 -8.54 -0.20
C PHE A 19 -15.12 -7.30 0.59
N LEU A 20 -16.17 -6.65 0.12
CA LEU A 20 -16.62 -5.38 0.70
C LEU A 20 -17.18 -5.61 2.10
N GLN A 21 -17.52 -6.86 2.48
CA GLN A 21 -17.92 -7.16 3.88
C GLN A 21 -16.77 -6.81 4.83
N TYR A 22 -15.52 -6.80 4.34
CA TYR A 22 -14.31 -6.56 5.19
C TYR A 22 -13.77 -5.13 4.95
N ALA A 23 -14.55 -4.28 4.28
CA ALA A 23 -14.23 -2.84 4.02
C ALA A 23 -13.67 -2.21 5.29
N TYR A 24 -12.47 -1.64 5.22
CA TYR A 24 -11.78 -1.05 6.38
C TYR A 24 -11.23 0.32 6.01
N ASP A 25 -11.55 1.34 6.81
CA ASP A 25 -11.16 2.75 6.53
C ASP A 25 -9.65 2.90 6.80
N ILE A 26 -8.91 3.33 5.78
CA ILE A 26 -7.45 3.57 5.82
C ILE A 26 -7.26 5.07 5.61
N THR A 27 -6.33 5.66 6.33
CA THR A 27 -5.89 7.06 6.10
C THR A 27 -4.38 7.12 6.22
N PHE A 28 -3.75 8.01 5.48
CA PHE A 28 -2.30 8.20 5.53
C PHE A 28 -1.94 8.91 6.83
N ASP A 29 -0.78 8.55 7.39
CA ASP A 29 -0.27 9.10 8.66
C ASP A 29 0.73 10.20 8.32
N PRO A 30 0.35 11.48 8.50
CA PRO A 30 1.24 12.60 8.19
C PRO A 30 2.57 12.57 8.98
N ASP A 31 2.60 11.91 10.14
CA ASP A 31 3.86 11.86 10.97
C ASP A 31 4.92 10.97 10.28
N THR A 32 4.50 10.18 9.29
CA THR A 32 5.41 9.24 8.58
C THR A 32 5.86 9.83 7.25
N ALA A 33 5.07 10.73 6.66
CA ALA A 33 5.20 11.08 5.23
C ALA A 33 6.56 11.73 4.95
N HIS A 34 7.23 11.24 3.90
CA HIS A 34 8.40 11.91 3.33
C HIS A 34 8.00 13.33 2.93
N LYS A 35 8.90 14.26 3.08
CA LYS A 35 8.61 15.69 2.85
C LYS A 35 8.21 15.97 1.40
N TYR A 36 8.57 15.12 0.42
CA TYR A 36 8.22 15.36 -0.99
C TYR A 36 6.80 14.80 -1.29
N LEU A 37 6.10 14.28 -0.29
CA LEU A 37 4.73 13.76 -0.46
C LEU A 37 3.75 14.79 0.12
N ARG A 38 2.77 15.17 -0.65
CA ARG A 38 1.64 16.02 -0.21
C ARG A 38 0.45 15.15 0.14
N LEU A 39 -0.12 15.38 1.31
CA LEU A 39 -1.38 14.77 1.74
C LEU A 39 -2.54 15.74 1.53
N GLN A 40 -3.61 15.25 0.95
CA GLN A 40 -4.87 15.98 0.74
C GLN A 40 -6.08 15.12 1.12
N GLU A 41 -7.25 15.73 1.06
CA GLU A 41 -8.58 15.06 1.14
C GLU A 41 -8.68 14.32 2.47
N GLU A 42 -8.40 15.01 3.56
CA GLU A 42 -8.49 14.42 4.93
CA GLU A 42 -8.49 14.43 4.92
C GLU A 42 -7.60 13.16 4.98
N ASN A 43 -6.40 13.25 4.42
CA ASN A 43 -5.34 12.20 4.51
C ASN A 43 -5.80 10.95 3.74
N ARG A 44 -6.54 11.14 2.65
CA ARG A 44 -6.93 10.02 1.74
C ARG A 44 -6.29 10.17 0.36
N LYS A 45 -5.48 11.19 0.14
CA LYS A 45 -4.78 11.37 -1.14
C LYS A 45 -3.33 11.72 -0.87
N VAL A 46 -2.42 11.11 -1.60
CA VAL A 46 -0.96 11.38 -1.46
C VAL A 46 -0.37 11.53 -2.87
N THR A 47 0.43 12.58 -3.05
CA THR A 47 1.09 12.86 -4.35
C THR A 47 2.57 13.14 -4.11
N ASN A 48 3.41 12.65 -5.00
CA ASN A 48 4.83 13.06 -4.99
C ASN A 48 4.90 14.38 -5.77
N THR A 49 5.26 15.48 -5.08
CA THR A 49 5.27 16.85 -5.64
C THR A 49 6.71 17.38 -5.83
N THR A 50 7.73 16.51 -5.75
CA THR A 50 9.13 16.89 -6.07
C THR A 50 9.14 17.84 -7.26
N PRO A 51 9.77 19.06 -7.20
CA PRO A 51 10.65 19.48 -6.10
C PRO A 51 10.04 20.31 -4.94
N TRP A 52 8.73 20.32 -4.88
CA TRP A 52 7.96 21.03 -3.85
C TRP A 52 7.88 20.17 -2.58
N GLU A 53 8.61 20.59 -1.54
CA GLU A 53 8.60 19.89 -0.23
C GLU A 53 7.66 20.62 0.73
N HIS A 54 7.14 19.89 1.71
CA HIS A 54 6.08 20.31 2.64
C HIS A 54 6.67 20.42 4.04
N PRO A 55 6.28 21.44 4.81
CA PRO A 55 6.97 21.75 6.07
C PRO A 55 6.48 20.91 7.25
N TYR A 56 6.55 19.61 7.10
CA TYR A 56 6.28 18.65 8.19
C TYR A 56 7.28 18.87 9.31
N PRO A 57 6.89 18.72 10.59
CA PRO A 57 7.87 18.76 11.68
C PRO A 57 8.81 17.56 11.58
N ASP A 58 10.08 17.74 11.95
CA ASP A 58 11.02 16.61 12.12
C ASP A 58 10.48 15.72 13.24
N LEU A 59 10.29 14.43 12.98
CA LEU A 59 9.85 13.42 13.95
C LEU A 59 10.62 12.13 13.69
N PRO A 60 10.87 11.33 14.74
CA PRO A 60 11.48 10.01 14.58
C PRO A 60 10.69 9.10 13.63
N SER A 61 9.37 9.33 13.52
CA SER A 61 8.46 8.52 12.67
C SER A 61 8.69 8.78 11.15
N ARG A 62 9.27 9.92 10.79
CA ARG A 62 9.22 10.41 9.40
C ARG A 62 10.32 9.72 8.55
N PHE A 63 9.95 9.30 7.36
CA PHE A 63 10.91 8.74 6.38
C PHE A 63 11.83 9.85 5.91
N LEU A 64 13.12 9.53 5.84
CA LEU A 64 14.19 10.50 5.44
C LEU A 64 14.53 10.30 3.95
N HIS A 65 14.84 9.06 3.55
CA HIS A 65 15.40 8.76 2.21
C HIS A 65 14.29 8.31 1.28
N TRP A 66 13.58 7.27 1.65
CA TRP A 66 12.56 6.65 0.77
C TRP A 66 11.27 7.45 0.81
N ARG A 67 10.65 7.65 -0.36
CA ARG A 67 9.46 8.47 -0.55
C ARG A 67 8.23 7.67 -0.12
N GLN A 68 8.13 7.40 1.18
CA GLN A 68 7.13 6.49 1.73
C GLN A 68 6.22 7.18 2.75
N VAL A 69 5.06 6.59 2.95
CA VAL A 69 4.07 6.96 4.00
C VAL A 69 3.37 5.69 4.43
N LEU A 70 2.96 5.62 5.69
CA LEU A 70 2.24 4.47 6.27
C LEU A 70 0.80 4.92 6.59
N SER A 71 -0.10 3.95 6.76
CA SER A 71 -1.45 4.16 7.31
C SER A 71 -1.35 4.54 8.78
N GLN A 72 -2.32 5.29 9.29
CA GLN A 72 -2.51 5.50 10.73
C GLN A 72 -2.94 4.20 11.40
N GLN A 73 -3.72 3.39 10.71
CA GLN A 73 -4.34 2.15 11.24
C GLN A 73 -3.31 1.02 11.21
N SER A 74 -3.33 0.16 12.23
CA SER A 74 -2.66 -1.17 12.22
C SER A 74 -3.71 -2.25 11.97
N LEU A 75 -3.28 -3.37 11.42
CA LEU A 75 -4.14 -4.52 11.05
C LEU A 75 -3.62 -5.71 11.84
N TYR A 76 -4.51 -6.41 12.56
CA TYR A 76 -4.08 -7.39 13.58
C TYR A 76 -5.27 -8.29 13.91
N LEU A 77 -5.25 -9.50 13.39
CA LEU A 77 -6.04 -10.63 13.88
C LEU A 77 -7.39 -10.73 13.15
N HIS A 78 -7.72 -9.88 12.17
CA HIS A 78 -8.97 -10.07 11.37
C HIS A 78 -8.68 -10.07 9.82
N ARG A 79 -9.77 -10.08 9.04
CA ARG A 79 -9.76 -9.89 7.56
C ARG A 79 -10.07 -8.41 7.29
N TYR A 80 -9.41 -7.83 6.29
CA TYR A 80 -9.52 -6.41 5.93
C TYR A 80 -9.51 -6.28 4.41
N TYR A 81 -10.20 -5.27 3.90
CA TYR A 81 -10.23 -4.95 2.46
C TYR A 81 -10.27 -3.45 2.28
N PHE A 82 -9.45 -2.90 1.40
CA PHE A 82 -9.54 -1.49 1.00
C PHE A 82 -9.15 -1.37 -0.46
N GLU A 83 -9.62 -0.32 -1.09
CA GLU A 83 -9.29 -0.04 -2.50
C GLU A 83 -8.49 1.25 -2.58
N VAL A 84 -7.59 1.30 -3.54
CA VAL A 84 -6.82 2.53 -3.84
C VAL A 84 -6.88 2.76 -5.34
N GLU A 85 -6.83 4.01 -5.73
CA GLU A 85 -6.57 4.39 -7.13
CA GLU A 85 -6.56 4.43 -7.13
C GLU A 85 -5.10 4.82 -7.22
N ILE A 86 -4.38 4.31 -8.22
CA ILE A 86 -2.93 4.52 -8.32
C ILE A 86 -2.64 5.17 -9.66
N PHE A 87 -1.65 6.04 -9.67
CA PHE A 87 -1.22 6.76 -10.88
C PHE A 87 0.30 6.86 -10.89
N GLY A 88 0.91 6.48 -12.04
CA GLY A 88 2.34 6.78 -12.34
C GLY A 88 3.24 5.56 -12.20
N ALA A 89 4.27 5.51 -13.00
CA ALA A 89 5.33 4.48 -12.90
C ALA A 89 6.10 4.74 -11.60
N GLY A 90 6.44 3.71 -10.86
CA GLY A 90 7.23 3.81 -9.62
C GLY A 90 6.40 3.87 -8.35
N THR A 91 5.13 3.45 -8.39
CA THR A 91 4.31 3.34 -7.17
C THR A 91 4.43 1.95 -6.60
N TYR A 92 4.43 1.83 -5.28
CA TYR A 92 4.37 0.52 -4.58
C TYR A 92 3.33 0.62 -3.50
N VAL A 93 2.54 -0.43 -3.36
CA VAL A 93 1.52 -0.53 -2.29
C VAL A 93 1.74 -1.84 -1.57
N GLY A 94 1.66 -1.86 -0.24
CA GLY A 94 1.90 -3.13 0.47
C GLY A 94 1.66 -3.01 1.95
N LEU A 95 2.39 -3.81 2.72
CA LEU A 95 2.32 -3.89 4.18
C LEU A 95 3.73 -3.82 4.74
N THR A 96 3.87 -3.33 5.94
CA THR A 96 5.14 -3.38 6.68
C THR A 96 4.86 -3.39 8.18
N CYS A 97 5.89 -3.41 8.98
CA CYS A 97 5.79 -3.40 10.46
C CYS A 97 6.27 -2.06 10.99
N LYS A 98 5.85 -1.71 12.19
CA LYS A 98 6.21 -0.46 12.87
C LYS A 98 7.75 -0.30 12.86
N GLY A 99 8.50 -1.40 12.99
CA GLY A 99 9.97 -1.36 13.19
C GLY A 99 10.73 -0.98 11.90
N ILE A 100 10.03 -0.82 10.76
CA ILE A 100 10.73 -0.37 9.51
C ILE A 100 11.55 0.89 9.83
N ASP A 101 12.83 0.93 9.41
CA ASP A 101 13.79 1.98 9.86
C ASP A 101 13.50 3.26 9.07
N ARG A 102 12.97 4.28 9.73
CA ARG A 102 12.47 5.49 9.04
C ARG A 102 13.64 6.30 8.45
N LYS A 103 14.83 6.24 9.05
CA LYS A 103 15.97 7.12 8.68
C LYS A 103 16.94 6.37 7.75
N GLY A 104 16.71 5.10 7.50
CA GLY A 104 17.66 4.21 6.80
C GLY A 104 17.81 4.62 5.34
N GLU A 105 19.03 4.54 4.84
CA GLU A 105 19.38 4.84 3.44
C GLU A 105 19.36 3.53 2.62
N GLU A 106 19.52 2.39 3.28
CA GLU A 106 19.64 1.10 2.57
C GLU A 106 18.25 0.62 2.15
N ARG A 107 18.19 -0.35 1.25
CA ARG A 107 16.92 -0.92 0.76
C ARG A 107 16.15 -1.64 1.89
N ASN A 108 16.80 -2.00 2.98
CA ASN A 108 16.04 -2.66 4.09
C ASN A 108 15.01 -1.68 4.67
N SER A 109 15.14 -0.37 4.38
CA SER A 109 14.19 0.68 4.86
C SER A 109 13.07 0.90 3.84
N CYS A 110 13.10 0.27 2.67
CA CYS A 110 12.02 0.37 1.66
C CYS A 110 11.16 -0.90 1.65
N ILE A 111 9.93 -0.82 1.16
CA ILE A 111 8.94 -1.92 1.33
C ILE A 111 9.12 -3.03 0.27
N SER A 112 10.16 -2.97 -0.55
CA SER A 112 10.55 -4.08 -1.42
C SER A 112 11.85 -4.74 -0.92
N GLY A 113 12.42 -4.28 0.18
CA GLY A 113 13.80 -4.65 0.54
C GLY A 113 13.96 -5.32 1.90
N ASN A 114 12.93 -5.90 2.52
CA ASN A 114 13.19 -6.61 3.81
C ASN A 114 12.23 -7.77 3.98
N ASN A 115 12.44 -8.54 5.04
CA ASN A 115 11.70 -9.82 5.24
C ASN A 115 10.45 -9.60 6.11
N PHE A 116 10.02 -8.34 6.35
CA PHE A 116 8.77 -8.07 7.14
C PHE A 116 7.90 -7.08 6.40
N SER A 117 8.16 -6.91 5.08
CA SER A 117 7.34 -6.05 4.20
C SER A 117 7.04 -6.80 2.90
N TRP A 118 5.88 -6.55 2.34
CA TRP A 118 5.42 -7.19 1.08
C TRP A 118 4.81 -6.10 0.21
N SER A 119 5.15 -6.02 -1.07
CA SER A 119 4.62 -4.91 -1.87
C SER A 119 4.37 -5.30 -3.33
N LEU A 120 3.52 -4.50 -3.97
CA LEU A 120 3.22 -4.57 -5.40
C LEU A 120 3.62 -3.26 -6.06
N GLN A 121 4.47 -3.36 -7.05
CA GLN A 121 5.01 -2.21 -7.84
C GLN A 121 4.36 -2.16 -9.21
N TRP A 122 3.98 -0.96 -9.65
CA TRP A 122 3.75 -0.67 -11.05
C TRP A 122 4.99 0.05 -11.59
N ASN A 123 5.70 -0.52 -12.55
CA ASN A 123 7.00 0.04 -12.98
C ASN A 123 6.86 0.82 -14.28
N GLY A 124 5.65 0.96 -14.84
CA GLY A 124 5.49 1.61 -16.14
C GLY A 124 5.22 0.65 -17.27
N LYS A 125 5.66 -0.61 -17.16
CA LYS A 125 5.39 -1.63 -18.17
C LYS A 125 4.62 -2.81 -17.56
N GLU A 126 4.90 -3.17 -16.32
CA GLU A 126 4.25 -4.34 -15.69
C GLU A 126 4.10 -4.13 -14.19
N PHE A 127 3.21 -4.88 -13.58
CA PHE A 127 3.19 -5.05 -12.11
C PHE A 127 4.29 -6.06 -11.75
N THR A 128 4.90 -5.85 -10.60
CA THR A 128 5.97 -6.72 -10.06
C THR A 128 5.65 -6.91 -8.58
N ALA A 129 5.72 -8.16 -8.09
CA ALA A 129 5.58 -8.46 -6.65
C ALA A 129 6.99 -8.46 -6.02
N TRP A 130 7.13 -7.85 -4.88
CA TRP A 130 8.41 -7.72 -4.15
C TRP A 130 8.29 -8.28 -2.72
N TYR A 131 9.34 -8.97 -2.29
CA TYR A 131 9.53 -9.42 -0.90
C TYR A 131 11.03 -9.62 -0.70
N SER A 132 11.60 -8.85 0.19
CA SER A 132 12.97 -9.06 0.68
C SER A 132 13.94 -9.10 -0.52
N ASP A 133 13.81 -8.14 -1.46
CA ASP A 133 14.72 -7.93 -2.62
C ASP A 133 14.44 -8.96 -3.72
N MET A 134 13.45 -9.80 -3.54
CA MET A 134 13.10 -10.81 -4.57
C MET A 134 11.90 -10.31 -5.38
N GLU A 135 12.01 -10.32 -6.69
CA GLU A 135 10.97 -9.72 -7.58
C GLU A 135 10.32 -10.80 -8.43
N THR A 136 9.01 -10.70 -8.61
CA THR A 136 8.23 -11.64 -9.46
C THR A 136 7.47 -10.80 -10.48
N PRO A 137 7.86 -10.80 -11.76
CA PRO A 137 7.11 -10.07 -12.76
C PRO A 137 5.75 -10.73 -12.96
N LEU A 138 4.73 -9.93 -13.18
CA LEU A 138 3.31 -10.38 -13.23
C LEU A 138 2.69 -10.01 -14.57
N LYS A 139 1.69 -10.77 -14.99
CA LYS A 139 1.09 -10.64 -16.32
C LYS A 139 -0.07 -9.65 -16.26
N ALA A 140 -0.85 -9.66 -15.18
CA ALA A 140 -2.16 -8.95 -15.13
C ALA A 140 -1.93 -7.44 -15.06
N GLY A 141 -2.92 -6.66 -15.53
CA GLY A 141 -2.89 -5.19 -15.42
C GLY A 141 -2.33 -4.60 -16.69
N PRO A 142 -2.10 -3.27 -16.75
CA PRO A 142 -2.31 -2.37 -15.63
C PRO A 142 -3.76 -2.16 -15.21
N PHE A 143 -3.96 -1.75 -13.97
CA PHE A 143 -5.28 -1.42 -13.41
C PHE A 143 -5.15 -0.12 -12.62
N ARG A 144 -6.03 0.84 -12.84
CA ARG A 144 -5.94 2.13 -12.12
C ARG A 144 -6.55 2.00 -10.72
N ARG A 145 -7.41 1.02 -10.48
CA ARG A 145 -7.91 0.80 -9.09
C ARG A 145 -7.49 -0.60 -8.64
N LEU A 146 -6.88 -0.69 -7.48
CA LEU A 146 -6.52 -1.98 -6.81
C LEU A 146 -7.39 -2.20 -5.59
N GLY A 147 -7.74 -3.47 -5.35
CA GLY A 147 -8.29 -3.95 -4.10
C GLY A 147 -7.21 -4.68 -3.34
N VAL A 148 -7.09 -4.39 -2.06
CA VAL A 148 -6.01 -4.95 -1.22
C VAL A 148 -6.71 -5.70 -0.11
N TYR A 149 -6.48 -6.99 -0.04
CA TYR A 149 -7.13 -7.90 0.93
C TYR A 149 -6.07 -8.46 1.87
N ILE A 150 -6.32 -8.37 3.17
CA ILE A 150 -5.42 -8.87 4.21
C ILE A 150 -6.20 -9.85 5.06
N ASP A 151 -5.82 -11.13 5.01
CA ASP A 151 -6.34 -12.14 5.93
C ASP A 151 -5.21 -12.35 6.93
N PHE A 152 -5.32 -11.71 8.10
CA PHE A 152 -4.19 -11.71 9.12
C PHE A 152 -4.05 -13.12 9.71
N PRO A 153 -5.13 -13.77 10.24
CA PRO A 153 -5.03 -15.15 10.73
C PRO A 153 -4.59 -16.16 9.65
N GLY A 154 -5.05 -15.94 8.37
CA GLY A 154 -4.78 -16.89 7.26
C GLY A 154 -3.46 -16.58 6.51
N GLY A 155 -2.76 -15.49 7.00
CA GLY A 155 -1.42 -15.17 6.46
C GLY A 155 -1.51 -15.03 4.87
N ILE A 156 -2.51 -14.15 4.47
CA ILE A 156 -2.73 -13.80 3.03
C ILE A 156 -2.71 -12.27 2.85
N LEU A 157 -1.99 -11.81 1.82
CA LEU A 157 -2.10 -10.44 1.28
C LEU A 157 -2.29 -10.60 -0.23
N SER A 158 -3.44 -10.20 -0.76
CA SER A 158 -3.76 -10.34 -2.18
C SER A 158 -4.18 -9.00 -2.78
N PHE A 159 -3.80 -8.80 -4.02
CA PHE A 159 -4.06 -7.57 -4.81
C PHE A 159 -4.93 -7.97 -6.00
N TYR A 160 -5.91 -7.15 -6.30
CA TYR A 160 -6.87 -7.35 -7.42
C TYR A 160 -7.01 -6.04 -8.21
N GLY A 161 -7.11 -6.14 -9.53
CA GLY A 161 -7.55 -5.04 -10.36
C GLY A 161 -9.05 -4.94 -10.25
N VAL A 162 -9.57 -3.76 -9.96
CA VAL A 162 -11.04 -3.57 -9.79
C VAL A 162 -11.54 -2.68 -10.94
N GLU A 163 -12.47 -3.19 -11.70
CA GLU A 163 -13.12 -2.45 -12.79
C GLU A 163 -14.61 -2.70 -12.68
N TYR A 164 -15.40 -1.66 -12.39
CA TYR A 164 -16.84 -1.82 -12.08
C TYR A 164 -16.94 -2.90 -10.96
N ASP A 165 -17.66 -4.01 -11.12
CA ASP A 165 -17.74 -5.03 -10.04
C ASP A 165 -16.84 -6.23 -10.34
N THR A 166 -15.89 -6.12 -11.30
CA THR A 166 -14.98 -7.25 -11.64
CA THR A 166 -14.98 -7.24 -11.66
C THR A 166 -13.68 -7.10 -10.86
N MET A 167 -13.18 -8.23 -10.36
CA MET A 167 -11.91 -8.29 -9.62
C MET A 167 -11.00 -9.33 -10.27
N THR A 168 -9.88 -8.88 -10.76
CA THR A 168 -8.85 -9.69 -11.44
C THR A 168 -7.66 -9.85 -10.48
N LEU A 169 -7.34 -11.07 -10.08
CA LEU A 169 -6.18 -11.31 -9.19
C LEU A 169 -4.92 -10.86 -9.89
N VAL A 170 -4.13 -10.03 -9.23
CA VAL A 170 -2.80 -9.59 -9.71
C VAL A 170 -1.72 -10.44 -9.04
N HIS A 171 -1.79 -10.61 -7.73
CA HIS A 171 -0.85 -11.47 -6.98
C HIS A 171 -1.44 -11.84 -5.63
N LYS A 172 -1.09 -13.01 -5.14
CA LYS A 172 -1.44 -13.46 -3.76
C LYS A 172 -0.15 -13.86 -3.04
N PHE A 173 0.23 -13.12 -2.03
CA PHE A 173 1.33 -13.44 -1.13
C PHE A 173 0.86 -14.38 -0.01
N ALA A 174 1.73 -15.35 0.29
CA ALA A 174 1.72 -16.06 1.59
C ALA A 174 2.66 -15.32 2.56
N CYS A 175 2.09 -14.82 3.68
CA CYS A 175 2.76 -13.96 4.70
C CYS A 175 2.78 -14.68 6.04
N LYS A 176 3.93 -14.67 6.71
CA LYS A 176 4.03 -15.06 8.11
C LYS A 176 3.77 -13.82 8.97
N PHE A 177 2.52 -13.62 9.34
CA PHE A 177 2.08 -12.45 10.14
C PHE A 177 2.24 -12.78 11.60
N SER A 178 2.93 -11.93 12.34
CA SER A 178 3.06 -12.04 13.80
C SER A 178 2.68 -10.70 14.44
N GLU A 179 3.52 -9.66 14.21
CA GLU A 179 3.22 -8.29 14.69
C GLU A 179 1.94 -7.78 13.91
N PRO A 180 1.31 -6.71 14.49
CA PRO A 180 0.48 -5.81 13.69
C PRO A 180 1.25 -5.31 12.46
N VAL A 181 0.48 -5.16 11.35
CA VAL A 181 1.00 -4.57 10.09
C VAL A 181 0.30 -3.24 9.82
N TYR A 182 0.96 -2.42 9.04
CA TYR A 182 0.48 -1.12 8.53
C TYR A 182 0.44 -1.18 7.03
N ALA A 183 -0.59 -0.60 6.41
CA ALA A 183 -0.53 -0.35 4.97
C ALA A 183 0.64 0.58 4.70
N ALA A 184 1.31 0.42 3.57
CA ALA A 184 2.55 1.14 3.25
C ALA A 184 2.55 1.51 1.78
N PHE A 185 3.02 2.71 1.49
CA PHE A 185 2.89 3.33 0.17
C PHE A 185 4.23 3.95 -0.16
N TRP A 186 4.70 3.73 -1.37
CA TRP A 186 5.98 4.29 -1.83
C TRP A 186 5.77 4.91 -3.20
N LEU A 187 5.97 6.23 -3.30
CA LEU A 187 5.70 7.02 -4.51
C LEU A 187 7.04 7.53 -5.01
N SER A 188 7.75 6.71 -5.78
CA SER A 188 9.17 6.91 -6.06
C SER A 188 9.37 8.01 -7.14
N LYS A 189 8.33 8.43 -7.85
CA LYS A 189 8.47 9.35 -9.01
C LYS A 189 7.55 10.58 -8.91
N LYS A 190 8.04 11.72 -9.36
CA LYS A 190 7.27 12.96 -9.43
C LYS A 190 5.92 12.67 -10.12
N GLU A 191 4.86 13.14 -9.51
CA GLU A 191 3.45 13.13 -10.00
C GLU A 191 2.82 11.75 -9.78
N ASN A 192 3.54 10.82 -9.20
CA ASN A 192 2.91 9.60 -8.65
C ASN A 192 1.81 10.04 -7.67
N ALA A 193 0.68 9.34 -7.65
CA ALA A 193 -0.41 9.68 -6.72
C ALA A 193 -1.16 8.40 -6.36
N ILE A 194 -1.65 8.37 -5.12
CA ILE A 194 -2.48 7.26 -4.62
C ILE A 194 -3.63 7.86 -3.81
N ARG A 195 -4.86 7.45 -4.12
CA ARG A 195 -6.07 7.88 -3.37
C ARG A 195 -6.68 6.64 -2.71
N ILE A 196 -7.03 6.75 -1.43
CA ILE A 196 -7.80 5.72 -0.71
CA ILE A 196 -7.81 5.73 -0.68
C ILE A 196 -9.29 5.93 -1.05
N VAL A 197 -9.90 4.92 -1.65
CA VAL A 197 -11.32 5.00 -2.12
C VAL A 197 -12.21 5.05 -0.87
N ASP A 198 -13.17 5.99 -0.82
CA ASP A 198 -14.23 6.01 0.23
C ASP A 198 -15.23 4.87 -0.06
N LEU A 199 -15.09 3.75 0.65
CA LEU A 199 -15.98 2.59 0.42
C LEU A 199 -17.26 2.77 1.27
N GLY A 200 -17.27 3.79 2.14
CA GLY A 200 -18.46 4.24 2.89
C GLY A 200 -19.67 4.31 1.99
N GLU A 201 -19.54 4.95 0.82
CA GLU A 201 -20.53 4.84 -0.30
C GLU A 201 -19.86 5.25 -1.61
#